data_1P23
#
_entry.id   1P23
#
_cell.length_a   1.000
_cell.length_b   1.000
_cell.length_c   1.000
_cell.angle_alpha   90.00
_cell.angle_beta   90.00
_cell.angle_gamma   90.00
#
_symmetry.space_group_name_H-M   'P 1'
#
_entity_poly.entity_id   1
_entity_poly.type   'polypeptide(L)'
_entity_poly.pdbx_seq_one_letter_code
;CYLRRFFKAKKLIE
;
_entity_poly.pdbx_strand_id   A,B,C,D
#
# COMPACT_ATOMS: atom_id res chain seq x y z
N CYS A 1 -7.59 -11.77 1.49
CA CYS A 1 -6.41 -11.32 0.68
C CYS A 1 -6.29 -9.80 0.73
N TYR A 2 -7.04 -9.18 1.58
CA TYR A 2 -6.93 -7.71 1.70
C TYR A 2 -6.39 -7.37 3.09
N LEU A 3 -6.64 -8.22 4.06
CA LEU A 3 -6.12 -7.96 5.43
C LEU A 3 -4.69 -7.49 5.30
N ARG A 4 -3.88 -8.28 4.66
CA ARG A 4 -2.46 -7.90 4.42
C ARG A 4 -2.42 -6.42 4.06
N ARG A 5 -3.39 -5.97 3.29
CA ARG A 5 -3.43 -4.53 2.91
C ARG A 5 -4.02 -3.68 4.04
N PHE A 6 -5.17 -4.06 4.52
CA PHE A 6 -5.80 -3.27 5.63
C PHE A 6 -4.92 -3.34 6.89
N PHE A 7 -4.30 -4.47 7.12
CA PHE A 7 -3.44 -4.62 8.31
C PHE A 7 -2.11 -3.90 8.11
N LYS A 8 -1.48 -4.10 6.99
CA LYS A 8 -0.18 -3.42 6.74
C LYS A 8 -0.26 -1.96 7.19
N ALA A 9 -1.43 -1.40 7.16
CA ALA A 9 -1.57 0.01 7.60
C ALA A 9 -1.93 0.03 9.08
N LYS A 10 -2.60 -0.99 9.52
CA LYS A 10 -2.99 -1.08 10.95
C LYS A 10 -1.73 -1.19 11.81
N LYS A 11 -0.88 -2.13 11.52
CA LYS A 11 0.37 -2.28 12.33
C LYS A 11 1.06 -0.92 12.47
N LEU A 12 0.85 -0.05 11.52
CA LEU A 12 1.49 1.29 11.57
C LEU A 12 0.80 2.18 12.61
N ILE A 13 -0.32 1.76 13.13
CA ILE A 13 -1.03 2.60 14.15
C ILE A 13 -1.69 1.74 15.20
N GLU A 14 -0.98 0.78 15.70
CA GLU A 14 -1.53 -0.12 16.72
C GLU A 14 -0.56 -0.29 17.88
N CYS B 1 -2.60 -12.82 -5.35
CA CYS B 1 -3.27 -11.98 -4.32
C CYS B 1 -2.32 -10.87 -3.87
N TYR B 2 -1.25 -10.67 -4.56
CA TYR B 2 -0.31 -9.59 -4.18
C TYR B 2 -0.22 -8.60 -5.34
N LEU B 3 -0.46 -9.06 -6.54
CA LEU B 3 -0.40 -8.15 -7.72
C LEU B 3 -1.10 -6.86 -7.34
N ARG B 4 -2.30 -6.99 -6.89
CA ARG B 4 -3.06 -5.80 -6.45
C ARG B 4 -2.14 -4.93 -5.59
N ARG B 5 -1.39 -5.57 -4.74
CA ARG B 5 -0.43 -4.82 -3.87
C ARG B 5 0.76 -4.32 -4.70
N PHE B 6 1.32 -5.17 -5.52
CA PHE B 6 2.47 -4.72 -6.35
C PHE B 6 1.99 -3.74 -7.43
N PHE B 7 0.98 -4.11 -8.16
CA PHE B 7 0.45 -3.22 -9.23
C PHE B 7 -0.01 -1.88 -8.66
N LYS B 8 -0.68 -1.90 -7.54
CA LYS B 8 -1.15 -0.62 -6.94
C LYS B 8 -0.03 0.42 -6.98
N ALA B 9 1.20 -0.03 -7.00
CA ALA B 9 2.34 0.91 -7.03
C ALA B 9 2.66 1.23 -8.49
N LYS B 10 2.32 0.32 -9.36
CA LYS B 10 2.56 0.51 -10.81
C LYS B 10 1.68 1.64 -11.34
N LYS B 11 0.39 1.47 -11.31
CA LYS B 11 -0.50 2.54 -11.83
C LYS B 11 -0.06 3.89 -11.25
N LEU B 12 0.55 3.88 -10.09
CA LEU B 12 1.00 5.15 -9.47
C LEU B 12 2.19 5.73 -10.22
N ILE B 13 2.75 5.02 -11.16
CA ILE B 13 3.93 5.55 -11.91
C ILE B 13 3.98 4.98 -13.31
N GLU B 14 2.88 5.04 -14.00
CA GLU B 14 2.84 4.50 -15.37
C GLU B 14 2.31 5.56 -16.34
N CYS C 1 6.76 12.58 -0.43
CA CYS C 1 5.78 11.86 0.44
C CYS C 1 4.92 10.93 -0.40
N TYR C 2 5.55 10.04 -1.09
CA TYR C 2 4.81 9.06 -1.92
C TYR C 2 5.83 8.05 -2.44
N LEU C 3 7.03 8.50 -2.73
CA LEU C 3 8.09 7.57 -3.19
C LEU C 3 8.03 6.34 -2.29
N ARG C 4 7.91 6.58 -1.03
CA ARG C 4 7.81 5.46 -0.06
C ARG C 4 6.73 4.51 -0.55
N ARG C 5 5.62 5.06 -0.99
CA ARG C 5 4.51 4.19 -1.49
C ARG C 5 4.80 3.72 -2.93
N PHE C 6 5.86 4.17 -3.52
CA PHE C 6 6.16 3.72 -4.92
C PHE C 6 7.35 2.76 -4.91
N PHE C 7 8.44 3.14 -4.31
CA PHE C 7 9.62 2.24 -4.27
C PHE C 7 9.34 1.04 -3.37
N LYS C 8 8.40 1.16 -2.47
CA LYS C 8 8.08 0.04 -1.56
C LYS C 8 7.66 -1.19 -2.38
N ALA C 9 6.73 -1.03 -3.27
CA ALA C 9 6.29 -2.18 -4.09
C ALA C 9 7.42 -2.57 -5.04
N LYS C 10 8.30 -1.66 -5.31
CA LYS C 10 9.43 -1.95 -6.22
C LYS C 10 10.36 -2.98 -5.60
N LYS C 11 11.00 -2.66 -4.51
CA LYS C 11 11.92 -3.63 -3.87
C LYS C 11 11.27 -5.01 -3.80
N LEU C 12 9.97 -5.06 -3.63
CA LEU C 12 9.27 -6.37 -3.55
C LEU C 12 9.35 -7.10 -4.89
N ILE C 13 9.75 -6.43 -5.95
CA ILE C 13 9.83 -7.11 -7.28
C ILE C 13 11.02 -6.61 -8.07
N GLU C 14 12.14 -6.53 -7.44
CA GLU C 14 13.35 -6.04 -8.11
C GLU C 14 14.53 -6.98 -7.85
N CYS D 1 2.15 13.07 6.08
CA CYS D 1 2.82 12.19 5.07
C CYS D 1 2.81 10.75 5.52
N TYR D 2 1.64 10.23 5.72
CA TYR D 2 1.50 8.82 6.15
C TYR D 2 0.01 8.47 6.14
N LEU D 3 -0.82 9.42 6.48
CA LEU D 3 -2.28 9.16 6.45
C LEU D 3 -2.61 8.40 5.19
N ARG D 4 -2.10 8.87 4.09
CA ARG D 4 -2.31 8.17 2.81
C ARG D 4 -1.98 6.70 3.01
N ARG D 5 -0.88 6.43 3.66
CA ARG D 5 -0.49 5.00 3.91
C ARG D 5 -1.43 4.36 4.94
N PHE D 6 -1.95 5.14 5.85
CA PHE D 6 -2.86 4.56 6.88
C PHE D 6 -4.30 4.54 6.34
N PHE D 7 -4.80 5.67 5.94
CA PHE D 7 -6.18 5.72 5.40
C PHE D 7 -6.35 4.76 4.22
N LYS D 8 -5.31 4.56 3.46
CA LYS D 8 -5.41 3.62 2.31
C LYS D 8 -6.06 2.31 2.75
N ALA D 9 -5.95 1.98 4.01
CA ALA D 9 -6.58 0.74 4.50
C ALA D 9 -7.99 1.05 4.98
N LYS D 10 -8.24 2.27 5.33
CA LYS D 10 -9.58 2.68 5.78
C LYS D 10 -10.56 2.59 4.61
N LYS D 11 -10.30 3.32 3.57
CA LYS D 11 -11.21 3.26 2.40
C LYS D 11 -11.48 1.80 2.02
N LEU D 12 -10.56 0.93 2.33
CA LEU D 12 -10.74 -0.50 1.99
C LEU D 12 -11.81 -1.16 2.90
N ILE D 13 -12.25 -0.47 3.92
CA ILE D 13 -13.27 -1.08 4.81
C ILE D 13 -14.18 -0.01 5.40
N GLU D 14 -14.65 0.86 4.57
CA GLU D 14 -15.53 1.94 5.04
C GLU D 14 -16.78 2.04 4.17
N CYS A 1 -5.72 -13.09 2.98
CA CYS A 1 -4.80 -12.30 2.12
C CYS A 1 -5.30 -10.86 2.01
N TYR A 2 -5.18 -10.12 3.07
CA TYR A 2 -5.62 -8.71 3.07
C TYR A 2 -5.40 -8.17 4.48
N LEU A 3 -5.56 -9.01 5.45
CA LEU A 3 -5.34 -8.59 6.84
C LEU A 3 -4.02 -7.85 6.90
N ARG A 4 -2.95 -8.49 6.54
CA ARG A 4 -1.64 -7.79 6.54
C ARG A 4 -1.82 -6.43 5.87
N ARG A 5 -2.79 -6.32 5.00
CA ARG A 5 -3.05 -5.01 4.33
C ARG A 5 -4.12 -4.22 5.07
N PHE A 6 -4.85 -4.86 5.93
CA PHE A 6 -5.91 -4.14 6.70
C PHE A 6 -5.40 -3.77 8.10
N PHE A 7 -4.74 -4.68 8.77
CA PHE A 7 -4.24 -4.38 10.13
C PHE A 7 -3.02 -3.45 10.05
N LYS A 8 -2.29 -3.51 8.96
CA LYS A 8 -1.11 -2.65 8.81
C LYS A 8 -1.52 -1.18 8.99
N ALA A 9 -2.52 -0.75 8.27
CA ALA A 9 -2.97 0.66 8.40
C ALA A 9 -3.51 0.92 9.81
N LYS A 10 -3.98 -0.10 10.46
CA LYS A 10 -4.51 0.07 11.83
C LYS A 10 -3.38 0.36 12.82
N LYS A 11 -2.50 -0.58 13.00
CA LYS A 11 -1.37 -0.36 13.94
C LYS A 11 -0.75 1.03 13.70
N LEU A 12 -0.79 1.50 12.49
CA LEU A 12 -0.21 2.83 12.17
C LEU A 12 -1.06 3.95 12.78
N ILE A 13 -2.22 3.64 13.30
CA ILE A 13 -3.07 4.71 13.89
C ILE A 13 -3.87 4.17 15.06
N GLU A 14 -3.22 3.47 15.93
CA GLU A 14 -3.91 2.90 17.09
C GLU A 14 -3.14 3.19 18.39
N CYS B 1 -2.48 -11.40 -1.42
CA CYS B 1 -1.36 -12.38 -1.31
C CYS B 1 -0.48 -12.30 -2.53
N TYR B 2 -0.87 -11.58 -3.52
CA TYR B 2 0.00 -11.43 -4.69
C TYR B 2 0.84 -10.18 -4.43
N LEU B 3 0.34 -9.31 -3.59
CA LEU B 3 1.08 -8.08 -3.24
C LEU B 3 2.54 -8.46 -2.98
N ARG B 4 2.76 -9.40 -2.12
CA ARG B 4 4.16 -9.84 -1.85
C ARG B 4 4.93 -9.90 -3.16
N ARG B 5 4.24 -10.11 -4.24
CA ARG B 5 4.93 -10.15 -5.56
C ARG B 5 5.04 -8.74 -6.13
N PHE B 6 4.04 -7.92 -5.91
CA PHE B 6 4.09 -6.52 -6.40
C PHE B 6 4.76 -5.65 -5.33
N PHE B 7 4.33 -5.80 -4.11
CA PHE B 7 4.93 -5.02 -3.00
C PHE B 7 6.46 -4.99 -3.13
N LYS B 8 7.04 -6.05 -3.66
CA LYS B 8 8.50 -6.08 -3.82
C LYS B 8 9.00 -4.71 -4.28
N ALA B 9 8.22 -4.03 -5.10
CA ALA B 9 8.63 -2.69 -5.57
C ALA B 9 8.17 -1.66 -4.55
N LYS B 10 7.07 -1.89 -3.91
CA LYS B 10 6.57 -0.95 -2.89
C LYS B 10 7.66 -0.69 -1.85
N LYS B 11 8.28 -1.72 -1.35
CA LYS B 11 9.36 -1.52 -0.35
C LYS B 11 10.31 -0.43 -0.85
N LEU B 12 10.48 -0.33 -2.14
CA LEU B 12 11.39 0.71 -2.69
C LEU B 12 10.76 2.10 -2.56
N ILE B 13 9.50 2.17 -2.25
CA ILE B 13 8.84 3.51 -2.09
C ILE B 13 8.01 3.55 -0.82
N GLU B 14 8.58 3.09 0.24
CA GLU B 14 7.87 3.07 1.52
C GLU B 14 8.68 3.81 2.60
N CYS C 1 3.33 12.88 -1.91
CA CYS C 1 4.66 12.39 -2.32
C CYS C 1 4.60 10.91 -2.64
N TYR C 2 3.87 10.57 -3.66
CA TYR C 2 3.76 9.18 -4.07
C TYR C 2 3.20 9.14 -5.47
N LEU C 3 2.57 8.07 -5.83
CA LEU C 3 2.01 7.98 -7.20
C LEU C 3 3.17 8.02 -8.19
N ARG C 4 3.83 9.14 -8.33
CA ARG C 4 4.99 9.22 -9.25
C ARG C 4 5.99 8.13 -8.88
N ARG C 5 6.38 8.05 -7.62
CA ARG C 5 7.35 6.98 -7.22
C ARG C 5 6.59 5.69 -6.93
N PHE C 6 5.30 5.74 -7.03
CA PHE C 6 4.50 4.52 -6.75
C PHE C 6 4.01 3.87 -8.04
N PHE C 7 3.44 4.63 -8.94
CA PHE C 7 2.96 4.04 -10.21
C PHE C 7 4.16 3.63 -11.07
N LYS C 8 5.25 4.36 -10.99
CA LYS C 8 6.43 4.00 -11.80
C LYS C 8 6.74 2.50 -11.66
N ALA C 9 6.75 2.01 -10.45
CA ALA C 9 7.03 0.57 -10.25
C ALA C 9 5.81 -0.25 -10.67
N LYS C 10 4.66 0.36 -10.67
CA LYS C 10 3.43 -0.35 -11.06
C LYS C 10 3.53 -0.79 -12.52
N LYS C 11 3.74 0.13 -13.42
CA LYS C 11 3.84 -0.24 -14.86
C LYS C 11 4.74 -1.48 -15.01
N LEU C 12 5.71 -1.63 -14.15
CA LEU C 12 6.62 -2.80 -14.24
C LEU C 12 5.89 -4.09 -13.81
N ILE C 13 4.70 -3.97 -13.32
CA ILE C 13 3.94 -5.17 -12.88
C ILE C 13 2.47 -5.02 -13.24
N GLU C 14 2.22 -4.55 -14.40
CA GLU C 14 0.84 -4.33 -14.84
C GLU C 14 0.59 -4.98 -16.20
N CYS D 1 1.53 12.45 3.96
CA CYS D 1 1.99 11.45 2.94
C CYS D 1 1.73 10.03 3.43
N TYR D 2 1.03 9.91 4.51
CA TYR D 2 0.70 8.56 5.02
C TYR D 2 -0.80 8.34 4.88
N LEU D 3 -1.54 9.43 4.82
CA LEU D 3 -3.01 9.32 4.67
C LEU D 3 -3.31 8.30 3.58
N ARG D 4 -2.84 8.57 2.40
CA ARG D 4 -3.06 7.60 1.29
C ARG D 4 -2.76 6.21 1.80
N ARG D 5 -1.91 6.10 2.79
CA ARG D 5 -1.59 4.77 3.36
C ARG D 5 -2.58 4.40 4.46
N PHE D 6 -3.10 5.39 5.14
CA PHE D 6 -4.06 5.11 6.24
C PHE D 6 -5.49 5.04 5.71
N PHE D 7 -5.91 6.00 4.92
CA PHE D 7 -7.30 5.97 4.40
C PHE D 7 -7.44 4.82 3.39
N LYS D 8 -6.39 4.47 2.70
CA LYS D 8 -6.49 3.35 1.73
C LYS D 8 -7.10 2.14 2.41
N ALA D 9 -6.51 1.70 3.49
CA ALA D 9 -7.05 0.53 4.23
C ALA D 9 -8.50 0.82 4.63
N LYS D 10 -8.80 2.05 4.95
CA LYS D 10 -10.17 2.41 5.34
C LYS D 10 -11.15 2.07 4.21
N LYS D 11 -11.09 2.79 3.13
CA LYS D 11 -12.01 2.51 1.99
C LYS D 11 -12.12 1.00 1.76
N LEU D 12 -11.06 0.28 2.00
CA LEU D 12 -11.07 -1.19 1.77
C LEU D 12 -12.03 -1.88 2.76
N ILE D 13 -12.45 -1.21 3.80
CA ILE D 13 -13.37 -1.86 4.77
C ILE D 13 -14.35 -0.85 5.35
N GLU D 14 -14.93 -0.07 4.51
CA GLU D 14 -15.89 0.95 4.96
C GLU D 14 -17.16 0.92 4.11
N CYS A 1 -7.37 -13.00 1.77
CA CYS A 1 -6.34 -12.51 0.81
C CYS A 1 -6.34 -10.98 0.79
N TYR A 2 -6.99 -10.37 1.72
CA TYR A 2 -7.01 -8.90 1.77
C TYR A 2 -6.41 -8.44 3.10
N LEU A 3 -6.47 -9.27 4.12
CA LEU A 3 -5.87 -8.87 5.42
C LEU A 3 -4.52 -8.25 5.16
N ARG A 4 -3.70 -8.97 4.45
CA ARG A 4 -2.37 -8.43 4.08
C ARG A 4 -2.56 -7.00 3.58
N ARG A 5 -3.63 -6.80 2.84
CA ARG A 5 -3.92 -5.44 2.30
C ARG A 5 -4.53 -4.55 3.40
N PHE A 6 -5.39 -5.10 4.22
CA PHE A 6 -5.98 -4.28 5.32
C PHE A 6 -4.96 -4.11 6.46
N PHE A 7 -4.38 -5.19 6.89
CA PHE A 7 -3.38 -5.12 7.99
C PHE A 7 -2.21 -4.22 7.60
N LYS A 8 -1.76 -4.31 6.38
CA LYS A 8 -0.63 -3.44 5.95
C LYS A 8 -0.84 -2.02 6.47
N ALA A 9 -2.08 -1.64 6.65
CA ALA A 9 -2.37 -0.28 7.18
C ALA A 9 -2.27 -0.31 8.71
N LYS A 10 -2.69 -1.40 9.29
CA LYS A 10 -2.61 -1.53 10.76
C LYS A 10 -1.17 -1.31 11.23
N LYS A 11 -0.26 -2.14 10.78
CA LYS A 11 1.16 -1.97 11.19
C LYS A 11 1.58 -0.50 11.10
N LEU A 12 1.10 0.19 10.11
CA LEU A 12 1.47 1.62 9.95
C LEU A 12 0.94 2.46 11.10
N ILE A 13 0.12 1.90 11.94
CA ILE A 13 -0.43 2.69 13.09
C ILE A 13 -0.53 1.82 14.33
N GLU A 14 0.45 1.03 14.55
CA GLU A 14 0.45 0.14 15.72
C GLU A 14 1.66 0.44 16.62
N CYS B 1 -2.71 -12.78 -4.84
CA CYS B 1 -3.21 -11.80 -3.83
C CYS B 1 -2.14 -10.78 -3.51
N TYR B 2 -1.69 -10.07 -4.49
CA TYR B 2 -0.67 -9.04 -4.26
C TYR B 2 -0.46 -8.24 -5.55
N LEU B 3 -0.58 -8.89 -6.69
CA LEU B 3 -0.44 -8.14 -7.97
C LEU B 3 -1.19 -6.84 -7.82
N ARG B 4 -2.47 -6.95 -7.59
CA ARG B 4 -3.32 -5.74 -7.36
C ARG B 4 -2.50 -4.74 -6.56
N ARG B 5 -1.80 -5.22 -5.56
CA ARG B 5 -0.96 -4.31 -4.73
C ARG B 5 0.30 -3.91 -5.49
N PHE B 6 1.06 -4.86 -5.94
CA PHE B 6 2.30 -4.54 -6.69
C PHE B 6 1.95 -3.74 -7.95
N PHE B 7 0.93 -4.15 -8.64
CA PHE B 7 0.52 -3.44 -9.87
C PHE B 7 0.10 -2.01 -9.55
N LYS B 8 -0.83 -1.85 -8.64
CA LYS B 8 -1.27 -0.48 -8.28
C LYS B 8 -0.07 0.41 -7.99
N ALA B 9 1.05 -0.19 -7.69
CA ALA B 9 2.27 0.61 -7.41
C ALA B 9 2.96 0.96 -8.72
N LYS B 10 2.87 0.08 -9.69
CA LYS B 10 3.50 0.33 -10.99
C LYS B 10 2.74 1.42 -11.75
N LYS B 11 1.50 1.19 -12.04
CA LYS B 11 0.71 2.22 -12.78
C LYS B 11 0.91 3.60 -12.13
N LEU B 12 1.17 3.62 -10.85
CA LEU B 12 1.38 4.92 -10.15
C LEU B 12 2.67 5.60 -10.62
N ILE B 13 3.53 4.89 -11.28
CA ILE B 13 4.80 5.52 -11.76
C ILE B 13 5.24 4.93 -13.09
N GLU B 14 4.34 4.82 -13.99
CA GLU B 14 4.66 4.26 -15.32
C GLU B 14 4.10 5.15 -16.43
N CYS C 1 6.03 12.14 -1.28
CA CYS C 1 5.23 11.37 -0.29
C CYS C 1 4.76 10.05 -0.90
N TYR C 2 5.33 9.67 -1.99
CA TYR C 2 4.93 8.37 -2.61
C TYR C 2 6.17 7.46 -2.65
N LEU C 3 7.32 8.02 -2.43
CA LEU C 3 8.55 7.19 -2.45
C LEU C 3 8.33 6.04 -1.48
N ARG C 4 8.18 6.34 -0.23
CA ARG C 4 7.91 5.28 0.77
C ARG C 4 6.88 4.32 0.19
N ARG C 5 6.05 4.82 -0.70
CA ARG C 5 5.03 3.92 -1.33
C ARG C 5 5.65 3.20 -2.52
N PHE C 6 6.29 3.92 -3.41
CA PHE C 6 6.93 3.25 -4.57
C PHE C 6 8.11 2.41 -4.08
N PHE C 7 8.91 2.95 -3.21
CA PHE C 7 10.07 2.19 -2.68
C PHE C 7 9.62 0.85 -2.12
N LYS C 8 8.73 0.88 -1.15
CA LYS C 8 8.25 -0.40 -0.58
C LYS C 8 7.60 -1.24 -1.68
N ALA C 9 7.34 -0.64 -2.82
CA ALA C 9 6.73 -1.39 -3.94
C ALA C 9 7.84 -1.95 -4.83
N LYS C 10 8.92 -1.24 -4.92
CA LYS C 10 10.05 -1.69 -5.76
C LYS C 10 10.71 -2.93 -5.14
N LYS C 11 11.21 -2.80 -3.94
CA LYS C 11 11.86 -3.96 -3.29
C LYS C 11 10.97 -5.20 -3.39
N LEU C 12 9.67 -4.99 -3.45
CA LEU C 12 8.74 -6.14 -3.53
C LEU C 12 8.84 -6.84 -4.89
N ILE C 13 9.45 -6.22 -5.87
CA ILE C 13 9.56 -6.87 -7.21
C ILE C 13 10.83 -6.49 -7.92
N GLU C 14 11.92 -6.52 -7.23
CA GLU C 14 13.20 -6.14 -7.83
C GLU C 14 14.29 -7.15 -7.46
N CYS D 1 2.01 13.88 5.85
CA CYS D 1 1.59 12.94 4.78
C CYS D 1 1.08 11.65 5.37
N TYR D 2 -0.09 11.68 5.93
CA TYR D 2 -0.66 10.47 6.49
C TYR D 2 -2.15 10.54 6.27
N LEU D 3 -2.90 9.77 6.98
CA LEU D 3 -4.35 9.79 6.79
C LEU D 3 -4.65 9.32 5.35
N ARG D 4 -4.22 10.07 4.38
CA ARG D 4 -4.45 9.62 2.98
C ARG D 4 -3.94 8.19 2.82
N ARG D 5 -2.75 7.90 3.31
CA ARG D 5 -2.22 6.52 3.17
C ARG D 5 -2.70 5.62 4.32
N PHE D 6 -3.15 6.21 5.39
CA PHE D 6 -3.65 5.40 6.53
C PHE D 6 -5.16 5.22 6.42
N PHE D 7 -5.85 6.26 6.05
CA PHE D 7 -7.32 6.19 5.89
C PHE D 7 -7.70 5.34 4.67
N LYS D 8 -7.02 5.52 3.57
CA LYS D 8 -7.35 4.73 2.36
C LYS D 8 -7.59 3.27 2.74
N ALA D 9 -6.87 2.76 3.71
CA ALA D 9 -7.08 1.36 4.13
C ALA D 9 -8.27 1.29 5.09
N LYS D 10 -8.49 2.36 5.81
CA LYS D 10 -9.62 2.40 6.76
C LYS D 10 -10.94 2.31 6.01
N LYS D 11 -11.19 3.22 5.10
CA LYS D 11 -12.47 3.17 4.35
C LYS D 11 -12.74 1.74 3.87
N LEU D 12 -11.71 1.00 3.53
CA LEU D 12 -11.91 -0.39 3.07
C LEU D 12 -12.49 -1.25 4.19
N ILE D 13 -12.56 -0.73 5.38
CA ILE D 13 -13.13 -1.54 6.51
C ILE D 13 -13.82 -0.65 7.53
N GLU D 14 -14.62 0.24 7.06
CA GLU D 14 -15.34 1.15 7.95
C GLU D 14 -16.83 1.21 7.61
N CYS A 1 -4.81 -12.80 0.77
CA CYS A 1 -3.57 -12.15 0.23
C CYS A 1 -3.79 -10.66 0.08
N TYR A 2 -4.00 -10.01 1.18
CA TYR A 2 -4.21 -8.55 1.14
C TYR A 2 -4.40 -8.06 2.58
N LEU A 3 -4.99 -8.87 3.43
CA LEU A 3 -5.15 -8.45 4.85
C LEU A 3 -3.82 -7.91 5.31
N ARG A 4 -2.77 -8.53 4.84
CA ARG A 4 -1.40 -8.07 5.20
C ARG A 4 -1.27 -6.62 4.74
N ARG A 5 -1.77 -6.32 3.58
CA ARG A 5 -1.70 -4.92 3.08
C ARG A 5 -2.76 -4.05 3.76
N PHE A 6 -3.64 -4.63 4.53
CA PHE A 6 -4.69 -3.83 5.20
C PHE A 6 -4.33 -3.58 6.68
N PHE A 7 -4.09 -4.62 7.42
CA PHE A 7 -3.74 -4.42 8.85
C PHE A 7 -2.37 -3.77 8.98
N LYS A 8 -1.57 -3.84 7.96
CA LYS A 8 -0.23 -3.22 8.03
C LYS A 8 -0.36 -1.72 8.23
N ALA A 9 -1.08 -1.06 7.36
CA ALA A 9 -1.26 0.40 7.51
C ALA A 9 -2.14 0.70 8.73
N LYS A 10 -2.84 -0.30 9.19
CA LYS A 10 -3.72 -0.10 10.36
C LYS A 10 -2.90 0.15 11.63
N LYS A 11 -2.03 -0.77 11.98
CA LYS A 11 -1.22 -0.57 13.20
C LYS A 11 -0.64 0.85 13.20
N LEU A 12 -0.35 1.38 12.04
CA LEU A 12 0.22 2.75 11.97
C LEU A 12 -0.79 3.77 12.48
N ILE A 13 -2.02 3.37 12.68
CA ILE A 13 -3.04 4.34 13.19
C ILE A 13 -4.00 3.66 14.13
N GLU A 14 -3.48 2.86 15.01
CA GLU A 14 -4.32 2.13 15.96
C GLU A 14 -3.80 2.32 17.39
N CYS B 1 0.19 -13.46 -0.59
CA CYS B 1 0.89 -13.99 -1.81
C CYS B 1 0.88 -12.95 -2.93
N TYR B 2 2.01 -12.81 -3.57
CA TYR B 2 2.18 -11.80 -4.66
C TYR B 2 2.49 -10.45 -4.02
N LEU B 3 2.26 -10.35 -2.74
CA LEU B 3 2.55 -9.08 -2.05
C LEU B 3 4.05 -9.00 -1.84
N ARG B 4 4.66 -10.11 -1.54
CA ARG B 4 6.12 -10.10 -1.40
C ARG B 4 6.68 -9.41 -2.63
N ARG B 5 5.95 -9.49 -3.72
CA ARG B 5 6.38 -8.82 -4.97
C ARG B 5 5.80 -7.40 -5.00
N PHE B 6 4.70 -7.20 -4.34
CA PHE B 6 4.07 -5.85 -4.29
C PHE B 6 4.80 -4.93 -3.31
N PHE B 7 4.94 -5.35 -2.08
CA PHE B 7 5.63 -4.49 -1.08
C PHE B 7 7.09 -4.26 -1.51
N LYS B 8 7.74 -5.26 -2.01
CA LYS B 8 9.16 -5.09 -2.45
C LYS B 8 9.29 -3.78 -3.22
N ALA B 9 8.45 -3.59 -4.20
CA ALA B 9 8.51 -2.33 -4.97
C ALA B 9 8.03 -1.19 -4.08
N LYS B 10 6.91 -1.39 -3.42
CA LYS B 10 6.39 -0.34 -2.51
C LYS B 10 7.55 0.30 -1.75
N LYS B 11 8.42 -0.48 -1.20
CA LYS B 11 9.58 0.09 -0.46
C LYS B 11 10.26 1.17 -1.29
N LEU B 12 10.26 1.05 -2.59
CA LEU B 12 10.92 2.08 -3.42
C LEU B 12 10.06 3.35 -3.48
N ILE B 13 8.87 3.31 -2.95
CA ILE B 13 8.01 4.54 -2.98
C ILE B 13 7.26 4.71 -1.66
N GLU B 14 7.95 4.55 -0.59
CA GLU B 14 7.33 4.69 0.74
C GLU B 14 8.12 5.66 1.61
N CYS C 1 1.41 13.67 -3.88
CA CYS C 1 2.81 13.18 -4.10
C CYS C 1 2.84 11.67 -4.08
N TYR C 2 2.05 11.05 -4.90
CA TYR C 2 2.05 9.60 -4.97
C TYR C 2 1.45 9.19 -6.29
N LEU C 3 0.87 8.04 -6.35
CA LEU C 3 0.27 7.58 -7.64
C LEU C 3 1.37 7.55 -8.69
N ARG C 4 1.72 8.67 -9.21
CA ARG C 4 2.81 8.69 -10.23
C ARG C 4 3.98 7.82 -9.75
N ARG C 5 4.48 8.06 -8.59
CA ARG C 5 5.61 7.23 -8.09
C ARG C 5 5.10 5.91 -7.52
N PHE C 6 3.85 5.86 -7.15
CA PHE C 6 3.28 4.62 -6.60
C PHE C 6 2.76 3.72 -7.74
N PHE C 7 1.95 4.27 -8.60
CA PHE C 7 1.43 3.49 -9.73
C PHE C 7 2.59 2.94 -10.55
N LYS C 8 3.59 3.75 -10.78
CA LYS C 8 4.77 3.28 -11.55
C LYS C 8 5.18 1.90 -11.04
N ALA C 9 4.94 1.66 -9.77
CA ALA C 9 5.30 0.34 -9.19
C ALA C 9 4.11 -0.60 -9.36
N LYS C 10 2.92 -0.10 -9.20
CA LYS C 10 1.72 -0.96 -9.38
C LYS C 10 1.79 -1.67 -10.73
N LYS C 11 2.08 -0.94 -11.78
CA LYS C 11 2.17 -1.59 -13.11
C LYS C 11 3.00 -2.87 -13.00
N LEU C 12 4.02 -2.84 -12.19
CA LEU C 12 4.87 -4.05 -12.02
C LEU C 12 4.05 -5.21 -11.44
N ILE C 13 2.87 -4.92 -10.96
CA ILE C 13 2.02 -6.01 -10.40
C ILE C 13 0.58 -5.86 -10.84
N GLU C 14 0.39 -5.55 -12.08
CA GLU C 14 -0.96 -5.36 -12.62
C GLU C 14 -1.18 -6.22 -13.86
N CYS D 1 1.01 14.04 2.26
CA CYS D 1 1.85 12.91 1.76
C CYS D 1 1.88 11.79 2.79
N TYR D 2 0.77 11.16 2.95
CA TYR D 2 0.65 10.05 3.91
C TYR D 2 -0.81 9.60 3.92
N LEU D 3 -1.70 10.53 3.74
CA LEU D 3 -3.15 10.17 3.68
C LEU D 3 -3.30 8.98 2.75
N ARG D 4 -2.85 9.13 1.53
CA ARG D 4 -2.95 8.00 0.57
C ARG D 4 -2.34 6.75 1.19
N ARG D 5 -1.51 6.90 2.20
CA ARG D 5 -0.91 5.69 2.83
C ARG D 5 -1.78 5.22 4.00
N PHE D 6 -2.64 6.06 4.48
CA PHE D 6 -3.51 5.66 5.62
C PHE D 6 -4.90 5.28 5.13
N PHE D 7 -5.53 6.13 4.35
CA PHE D 7 -6.88 5.80 3.84
C PHE D 7 -6.79 4.64 2.83
N LYS D 8 -5.64 4.45 2.23
CA LYS D 8 -5.51 3.34 1.25
C LYS D 8 -5.93 2.01 1.87
N ALA D 9 -5.41 1.71 3.03
CA ALA D 9 -5.78 0.43 3.69
C ALA D 9 -7.24 0.52 4.17
N LYS D 10 -7.72 1.71 4.36
CA LYS D 10 -9.10 1.90 4.81
C LYS D 10 -10.08 1.60 3.67
N LYS D 11 -10.06 2.38 2.63
CA LYS D 11 -10.98 2.12 1.50
C LYS D 11 -11.00 0.63 1.16
N LEU D 12 -9.91 -0.04 1.39
CA LEU D 12 -9.84 -1.50 1.10
C LEU D 12 -10.72 -2.29 2.06
N ILE D 13 -11.25 -1.65 3.07
CA ILE D 13 -12.12 -2.39 4.04
C ILE D 13 -13.18 -1.47 4.63
N GLU D 14 -13.83 -0.73 3.80
CA GLU D 14 -14.86 0.20 4.27
C GLU D 14 -16.15 0.02 3.47
N CYS A 1 -5.39 -13.21 1.39
CA CYS A 1 -4.31 -12.57 0.57
C CYS A 1 -4.49 -11.06 0.56
N TYR A 2 -5.42 -10.57 1.34
CA TYR A 2 -5.62 -9.11 1.38
C TYR A 2 -5.18 -8.59 2.75
N LEU A 3 -5.20 -9.43 3.75
CA LEU A 3 -4.76 -8.98 5.11
C LEU A 3 -3.48 -8.17 4.93
N ARG A 4 -2.50 -8.79 4.36
CA ARG A 4 -1.21 -8.08 4.09
C ARG A 4 -1.55 -6.68 3.58
N ARG A 5 -2.59 -6.58 2.79
CA ARG A 5 -3.00 -5.26 2.24
C ARG A 5 -3.79 -4.47 3.30
N PHE A 6 -4.66 -5.14 4.02
CA PHE A 6 -5.45 -4.42 5.06
C PHE A 6 -4.57 -4.17 6.29
N PHE A 7 -3.86 -5.17 6.73
CA PHE A 7 -2.98 -5.03 7.92
C PHE A 7 -1.86 -4.01 7.64
N LYS A 8 -1.29 -4.05 6.47
CA LYS A 8 -0.20 -3.09 6.14
C LYS A 8 -0.60 -1.68 6.56
N ALA A 9 -1.87 -1.41 6.63
CA ALA A 9 -2.33 -0.06 7.03
C ALA A 9 -2.54 -0.05 8.54
N LYS A 10 -2.86 -1.18 9.10
CA LYS A 10 -3.07 -1.26 10.56
C LYS A 10 -1.76 -1.02 11.30
N LYS A 11 -0.73 -1.79 11.00
CA LYS A 11 0.56 -1.59 11.71
C LYS A 11 0.94 -0.11 11.69
N LEU A 12 0.52 0.61 10.69
CA LEU A 12 0.85 2.06 10.60
C LEU A 12 0.06 2.86 11.64
N ILE A 13 -0.86 2.24 12.30
CA ILE A 13 -1.67 2.99 13.32
C ILE A 13 -2.05 2.09 14.48
N GLU A 14 -1.12 1.36 14.98
CA GLU A 14 -1.39 0.44 16.09
C GLU A 14 -0.35 0.62 17.20
N CYS B 1 -1.29 -13.15 -5.26
CA CYS B 1 -1.57 -12.23 -4.11
C CYS B 1 -0.53 -11.13 -4.04
N TYR B 2 -0.52 -10.27 -5.01
CA TYR B 2 0.45 -9.17 -5.01
C TYR B 2 0.23 -8.32 -6.27
N LEU B 3 -0.22 -8.92 -7.33
CA LEU B 3 -0.49 -8.14 -8.57
C LEU B 3 -1.25 -6.89 -8.17
N ARG B 4 -2.46 -7.07 -7.73
CA ARG B 4 -3.26 -5.92 -7.27
C ARG B 4 -2.37 -5.00 -6.42
N ARG B 5 -1.38 -5.56 -5.77
CA ARG B 5 -0.48 -4.72 -4.94
C ARG B 5 0.64 -4.13 -5.81
N PHE B 6 1.21 -4.90 -6.68
CA PHE B 6 2.29 -4.39 -7.56
C PHE B 6 1.67 -3.48 -8.63
N PHE B 7 0.60 -3.93 -9.23
CA PHE B 7 -0.06 -3.11 -10.28
C PHE B 7 -0.44 -1.74 -9.73
N LYS B 8 -1.16 -1.71 -8.65
CA LYS B 8 -1.54 -0.39 -8.06
C LYS B 8 -0.29 0.45 -7.82
N ALA B 9 0.85 -0.19 -7.81
CA ALA B 9 2.12 0.56 -7.58
C ALA B 9 2.64 1.09 -8.93
N LYS B 10 2.43 0.34 -9.97
CA LYS B 10 2.89 0.76 -11.30
C LYS B 10 2.09 1.98 -11.77
N LYS B 11 0.79 1.83 -11.91
CA LYS B 11 -0.03 2.97 -12.37
C LYS B 11 0.25 4.21 -11.51
N LEU B 12 0.81 4.03 -10.34
CA LEU B 12 1.10 5.19 -9.47
C LEU B 12 2.47 5.81 -9.80
N ILE B 13 3.17 5.27 -10.75
CA ILE B 13 4.50 5.86 -11.10
C ILE B 13 4.97 5.39 -12.47
N GLU B 14 4.11 5.46 -13.43
CA GLU B 14 4.46 5.02 -14.78
C GLU B 14 3.99 6.04 -15.82
N CYS C 1 7.65 13.13 -0.58
CA CYS C 1 6.69 12.08 -0.12
C CYS C 1 6.57 10.97 -1.14
N TYR C 2 7.68 10.43 -1.55
CA TYR C 2 7.63 9.34 -2.50
C TYR C 2 8.83 8.45 -2.25
N LEU C 3 9.31 7.78 -3.26
CA LEU C 3 10.49 6.91 -3.05
C LEU C 3 10.14 5.83 -2.03
N ARG C 4 10.07 6.19 -0.78
CA ARG C 4 9.70 5.19 0.26
C ARG C 4 8.39 4.54 -0.13
N ARG C 5 7.49 5.30 -0.68
CA ARG C 5 6.18 4.73 -1.09
C ARG C 5 6.34 4.04 -2.45
N PHE C 6 7.26 4.51 -3.24
CA PHE C 6 7.50 3.90 -4.57
C PHE C 6 8.43 2.69 -4.47
N PHE C 7 9.61 2.86 -3.94
CA PHE C 7 10.55 1.73 -3.84
C PHE C 7 9.99 0.65 -2.90
N LYS C 8 9.07 0.99 -2.04
CA LYS C 8 8.50 -0.01 -1.13
C LYS C 8 7.84 -1.13 -1.94
N ALA C 9 6.97 -0.78 -2.84
CA ALA C 9 6.30 -1.80 -3.68
C ALA C 9 7.32 -2.45 -4.60
N LYS C 10 8.41 -1.77 -4.85
CA LYS C 10 9.46 -2.32 -5.73
C LYS C 10 10.15 -3.49 -5.04
N LYS C 11 10.83 -3.25 -3.96
CA LYS C 11 11.52 -4.37 -3.25
C LYS C 11 10.61 -5.59 -3.21
N LEU C 12 9.32 -5.39 -3.22
CA LEU C 12 8.37 -6.52 -3.18
C LEU C 12 8.42 -7.32 -4.47
N ILE C 13 9.03 -6.79 -5.50
CA ILE C 13 9.09 -7.55 -6.79
C ILE C 13 10.41 -7.28 -7.51
N GLU C 14 11.48 -7.38 -6.80
CA GLU C 14 12.80 -7.14 -7.40
C GLU C 14 13.74 -8.32 -7.12
N CYS D 1 2.14 12.62 5.07
CA CYS D 1 2.16 12.04 3.70
C CYS D 1 1.84 10.56 3.75
N TYR D 2 1.39 10.09 4.87
CA TYR D 2 1.04 8.66 4.97
C TYR D 2 -0.47 8.55 5.25
N LEU D 3 -1.05 9.63 5.71
CA LEU D 3 -2.50 9.62 5.99
C LEU D 3 -3.22 9.04 4.79
N ARG D 4 -3.05 9.67 3.66
CA ARG D 4 -3.67 9.15 2.43
C ARG D 4 -3.40 7.65 2.34
N ARG D 5 -2.32 7.21 2.96
CA ARG D 5 -2.01 5.75 2.92
C ARG D 5 -2.70 5.03 4.09
N PHE D 6 -2.91 5.72 5.18
CA PHE D 6 -3.55 5.07 6.36
C PHE D 6 -5.09 5.09 6.22
N PHE D 7 -5.66 6.21 5.89
CA PHE D 7 -7.13 6.27 5.78
C PHE D 7 -7.61 5.58 4.48
N LYS D 8 -6.77 5.52 3.48
CA LYS D 8 -7.19 4.84 2.23
C LYS D 8 -7.46 3.37 2.52
N ALA D 9 -6.57 2.72 3.21
CA ALA D 9 -6.78 1.28 3.54
C ALA D 9 -7.93 1.17 4.51
N LYS D 10 -8.16 2.19 5.27
CA LYS D 10 -9.27 2.17 6.24
C LYS D 10 -10.60 2.00 5.50
N LYS D 11 -10.96 2.94 4.68
CA LYS D 11 -12.24 2.83 3.92
C LYS D 11 -12.47 1.40 3.46
N LEU D 12 -11.42 0.68 3.16
CA LEU D 12 -11.58 -0.72 2.68
C LEU D 12 -12.10 -1.62 3.82
N ILE D 13 -12.01 -1.17 5.04
CA ILE D 13 -12.50 -2.01 6.18
C ILE D 13 -13.07 -1.17 7.30
N GLU D 14 -12.53 -0.02 7.47
CA GLU D 14 -13.00 0.91 8.53
C GLU D 14 -13.24 0.14 9.83
N CYS A 1 -7.53 -14.00 -0.68
CA CYS A 1 -6.79 -13.16 0.30
C CYS A 1 -7.46 -11.80 0.48
N TYR A 2 -7.05 -11.10 1.48
CA TYR A 2 -7.63 -9.77 1.76
C TYR A 2 -7.03 -9.29 3.08
N LEU A 3 -6.96 -10.17 4.03
CA LEU A 3 -6.38 -9.81 5.33
C LEU A 3 -5.05 -9.14 5.07
N ARG A 4 -4.23 -9.75 4.26
CA ARG A 4 -2.95 -9.13 3.91
C ARG A 4 -3.26 -7.72 3.42
N ARG A 5 -4.38 -7.59 2.74
CA ARG A 5 -4.80 -6.25 2.25
C ARG A 5 -5.11 -5.33 3.44
N PHE A 6 -5.82 -5.83 4.42
CA PHE A 6 -6.14 -4.99 5.60
C PHE A 6 -4.85 -4.71 6.38
N PHE A 7 -4.11 -5.75 6.68
CA PHE A 7 -2.85 -5.58 7.43
C PHE A 7 -1.96 -4.54 6.74
N LYS A 8 -1.94 -4.54 5.44
CA LYS A 8 -1.11 -3.54 4.71
C LYS A 8 -1.39 -2.14 5.25
N ALA A 9 -2.51 -1.96 5.90
CA ALA A 9 -2.84 -0.63 6.45
C ALA A 9 -2.46 -0.62 7.93
N LYS A 10 -2.38 -1.77 8.52
CA LYS A 10 -2.00 -1.86 9.94
C LYS A 10 -0.52 -1.55 10.12
N LYS A 11 0.34 -2.26 9.42
CA LYS A 11 1.79 -1.98 9.55
C LYS A 11 2.06 -0.48 9.42
N LEU A 12 1.20 0.22 8.74
CA LEU A 12 1.39 1.68 8.56
C LEU A 12 1.19 2.42 9.88
N ILE A 13 0.59 1.79 10.86
CA ILE A 13 0.38 2.49 12.16
C ILE A 13 0.45 1.51 13.33
N GLU A 14 1.46 0.71 13.34
CA GLU A 14 1.62 -0.28 14.42
C GLU A 14 3.04 -0.26 14.98
N CYS B 1 -2.15 -12.89 -5.45
CA CYS B 1 -2.74 -12.15 -4.29
C CYS B 1 -1.80 -11.06 -3.82
N TYR B 2 -0.78 -10.80 -4.57
CA TYR B 2 0.16 -9.72 -4.19
C TYR B 2 0.08 -8.61 -5.26
N LEU B 3 -0.36 -8.95 -6.43
CA LEU B 3 -0.49 -7.94 -7.51
C LEU B 3 -1.17 -6.71 -6.94
N ARG B 4 -2.37 -6.88 -6.48
CA ARG B 4 -3.10 -5.73 -5.86
C ARG B 4 -2.13 -5.01 -4.93
N ARG B 5 -1.16 -5.71 -4.41
CA ARG B 5 -0.16 -5.05 -3.51
C ARG B 5 0.95 -4.42 -4.35
N PHE B 6 1.34 -5.06 -5.41
CA PHE B 6 2.42 -4.50 -6.26
C PHE B 6 1.80 -3.48 -7.24
N PHE B 7 0.76 -3.87 -7.92
CA PHE B 7 0.11 -2.93 -8.87
C PHE B 7 -0.28 -1.63 -8.17
N LYS B 8 -0.79 -1.73 -6.97
CA LYS B 8 -1.18 -0.51 -6.25
C LYS B 8 -0.02 0.49 -6.29
N ALA B 9 1.17 0.01 -6.47
CA ALA B 9 2.33 0.91 -6.55
C ALA B 9 2.53 1.32 -8.02
N LYS B 10 2.07 0.50 -8.91
CA LYS B 10 2.19 0.80 -10.35
C LYS B 10 1.34 2.02 -10.71
N LYS B 11 0.06 1.93 -10.50
CA LYS B 11 -0.82 3.10 -10.83
C LYS B 11 -0.21 4.37 -10.25
N LEU B 12 0.43 4.26 -9.11
CA LEU B 12 1.05 5.46 -8.48
C LEU B 12 2.26 5.94 -9.29
N ILE B 13 2.65 5.21 -10.30
CA ILE B 13 3.82 5.64 -11.11
C ILE B 13 3.65 5.25 -12.57
N GLU B 14 2.51 5.53 -13.10
CA GLU B 14 2.21 5.18 -14.50
C GLU B 14 1.60 6.39 -15.23
N CYS C 1 5.30 12.52 -0.58
CA CYS C 1 4.56 11.73 0.45
C CYS C 1 3.83 10.58 -0.21
N TYR C 2 4.54 9.77 -0.90
CA TYR C 2 3.92 8.61 -1.57
C TYR C 2 5.03 7.72 -2.16
N LEU C 3 6.12 8.30 -2.57
CA LEU C 3 7.24 7.48 -3.10
C LEU C 3 7.44 6.32 -2.13
N ARG C 4 7.17 6.59 -0.89
CA ARG C 4 7.27 5.54 0.15
C ARG C 4 6.28 4.46 -0.19
N ARG C 5 5.06 4.85 -0.49
CA ARG C 5 4.02 3.84 -0.86
C ARG C 5 4.32 3.26 -2.24
N PHE C 6 5.19 3.90 -2.98
CA PHE C 6 5.52 3.41 -4.33
C PHE C 6 6.73 2.46 -4.30
N PHE C 7 7.87 2.96 -3.90
CA PHE C 7 9.07 2.07 -3.87
C PHE C 7 8.86 0.93 -2.87
N LYS C 8 7.99 1.10 -1.91
CA LYS C 8 7.76 0.00 -0.95
C LYS C 8 7.35 -1.26 -1.70
N ALA C 9 6.35 -1.15 -2.52
CA ALA C 9 5.88 -2.33 -3.31
C ALA C 9 7.04 -2.85 -4.16
N LYS C 10 7.91 -1.98 -4.58
CA LYS C 10 9.06 -2.40 -5.41
C LYS C 10 9.97 -3.33 -4.61
N LYS C 11 10.60 -2.82 -3.58
CA LYS C 11 11.51 -3.68 -2.77
C LYS C 11 10.82 -5.03 -2.50
N LEU C 12 9.53 -5.03 -2.35
CA LEU C 12 8.80 -6.30 -2.09
C LEU C 12 8.95 -7.27 -3.26
N ILE C 13 9.44 -6.80 -4.39
CA ILE C 13 9.61 -7.72 -5.55
C ILE C 13 10.85 -7.35 -6.33
N GLU C 14 11.91 -7.11 -5.65
CA GLU C 14 13.18 -6.73 -6.30
C GLU C 14 14.33 -7.59 -5.77
N CYS D 1 3.46 13.75 6.79
CA CYS D 1 2.30 13.05 6.16
C CYS D 1 2.33 11.57 6.45
N TYR D 2 1.19 10.97 6.40
CA TYR D 2 1.07 9.53 6.65
C TYR D 2 -0.42 9.21 6.57
N LEU D 3 -1.20 10.10 7.11
CA LEU D 3 -2.66 9.92 7.06
C LEU D 3 -3.05 9.59 5.63
N ARG D 4 -2.62 10.39 4.71
CA ARG D 4 -2.91 10.11 3.28
C ARG D 4 -2.60 8.64 3.05
N ARG D 5 -1.67 8.14 3.81
CA ARG D 5 -1.30 6.69 3.69
C ARG D 5 -2.15 5.85 4.65
N PHE D 6 -2.57 6.42 5.75
CA PHE D 6 -3.39 5.64 6.72
C PHE D 6 -4.87 5.67 6.32
N PHE D 7 -5.38 6.80 5.95
CA PHE D 7 -6.81 6.87 5.57
C PHE D 7 -7.06 6.13 4.25
N LYS D 8 -6.16 6.24 3.32
CA LYS D 8 -6.34 5.55 2.02
C LYS D 8 -6.57 4.05 2.25
N ALA D 9 -5.69 3.40 2.95
CA ALA D 9 -5.87 1.95 3.21
C ALA D 9 -7.10 1.73 4.08
N LYS D 10 -7.53 2.76 4.75
CA LYS D 10 -8.72 2.65 5.61
C LYS D 10 -9.98 2.51 4.77
N LYS D 11 -10.34 3.53 4.03
CA LYS D 11 -11.56 3.45 3.19
C LYS D 11 -11.60 2.09 2.47
N LEU D 12 -10.46 1.54 2.19
CA LEU D 12 -10.40 0.24 1.48
C LEU D 12 -10.95 -0.89 2.37
N ILE D 13 -11.08 -0.65 3.65
CA ILE D 13 -11.60 -1.73 4.54
C ILE D 13 -12.34 -1.14 5.73
N GLU D 14 -13.24 -0.25 5.47
CA GLU D 14 -14.00 0.38 6.56
C GLU D 14 -15.49 0.45 6.22
N CYS A 1 -5.19 -14.10 2.31
CA CYS A 1 -5.20 -12.65 1.98
C CYS A 1 -6.61 -12.09 2.13
N TYR A 2 -6.90 -11.45 3.23
CA TYR A 2 -8.25 -10.88 3.44
C TYR A 2 -8.16 -9.88 4.57
N LEU A 3 -8.53 -10.26 5.75
CA LEU A 3 -8.41 -9.30 6.88
C LEU A 3 -6.97 -8.81 6.95
N ARG A 4 -6.01 -9.70 6.89
CA ARG A 4 -4.60 -9.25 6.94
C ARG A 4 -4.42 -8.21 5.83
N ARG A 5 -5.04 -8.45 4.70
CA ARG A 5 -4.95 -7.48 3.60
C ARG A 5 -5.42 -6.12 4.14
N PHE A 6 -6.25 -6.18 5.14
CA PHE A 6 -6.77 -4.93 5.77
C PHE A 6 -5.93 -4.60 7.01
N PHE A 7 -5.66 -5.60 7.81
CA PHE A 7 -4.85 -5.38 9.03
C PHE A 7 -3.45 -4.88 8.67
N LYS A 8 -2.97 -5.23 7.51
CA LYS A 8 -1.63 -4.77 7.10
C LYS A 8 -1.61 -3.24 7.07
N ALA A 9 -2.76 -2.62 7.10
CA ALA A 9 -2.83 -1.14 7.08
C ALA A 9 -2.93 -0.63 8.51
N LYS A 10 -3.54 -1.38 9.37
CA LYS A 10 -3.69 -0.98 10.77
C LYS A 10 -2.32 -0.99 11.46
N LYS A 11 -1.62 -2.09 11.38
CA LYS A 11 -0.28 -2.15 12.01
C LYS A 11 0.53 -0.91 11.64
N LEU A 12 0.33 -0.40 10.45
CA LEU A 12 1.09 0.80 10.00
C LEU A 12 0.76 2.01 10.89
N ILE A 13 -0.28 1.93 11.66
CA ILE A 13 -0.63 3.09 12.54
C ILE A 13 -1.16 2.62 13.89
N GLU A 14 -0.51 1.65 14.43
CA GLU A 14 -0.93 1.10 15.73
C GLU A 14 0.26 0.91 16.66
N CYS B 1 -2.84 -12.56 -4.63
CA CYS B 1 -3.20 -11.77 -3.41
C CYS B 1 -2.07 -10.85 -3.02
N TYR B 2 -1.10 -10.71 -3.87
CA TYR B 2 0.03 -9.80 -3.55
C TYR B 2 0.03 -8.67 -4.58
N LEU B 3 -0.47 -8.92 -5.76
CA LEU B 3 -0.51 -7.85 -6.79
C LEU B 3 -0.97 -6.57 -6.12
N ARG B 4 -2.09 -6.63 -5.47
CA ARG B 4 -2.60 -5.43 -4.74
C ARG B 4 -1.42 -4.78 -4.02
N ARG B 5 -0.56 -5.60 -3.46
CA ARG B 5 0.63 -5.05 -2.75
C ARG B 5 1.66 -4.54 -3.77
N PHE B 6 1.92 -5.29 -4.81
CA PHE B 6 2.91 -4.85 -5.82
C PHE B 6 2.30 -3.74 -6.69
N PHE B 7 1.12 -3.96 -7.22
CA PHE B 7 0.48 -2.94 -8.07
C PHE B 7 0.30 -1.63 -7.29
N LYS B 8 -0.07 -1.72 -6.04
CA LYS B 8 -0.26 -0.48 -5.24
C LYS B 8 0.86 0.51 -5.52
N ALA B 9 2.01 0.02 -5.91
CA ALA B 9 3.14 0.93 -6.20
C ALA B 9 3.07 1.38 -7.66
N LYS B 10 2.59 0.51 -8.51
CA LYS B 10 2.46 0.86 -9.93
C LYS B 10 1.32 1.85 -10.14
N LYS B 11 0.14 1.52 -9.69
CA LYS B 11 -0.99 2.45 -9.84
C LYS B 11 -0.60 3.84 -9.31
N LEU B 12 0.31 3.88 -8.38
CA LEU B 12 0.73 5.18 -7.80
C LEU B 12 1.64 5.93 -8.78
N ILE B 13 1.95 5.35 -9.90
CA ILE B 13 2.84 6.05 -10.87
C ILE B 13 2.56 5.62 -12.30
N GLU B 14 1.31 5.56 -12.63
CA GLU B 14 0.92 5.14 -14.00
C GLU B 14 -0.12 6.10 -14.57
N CYS C 1 7.21 12.56 -1.50
CA CYS C 1 6.57 11.68 -0.48
C CYS C 1 5.87 10.53 -1.17
N TYR C 2 6.64 9.67 -1.75
CA TYR C 2 6.07 8.49 -2.44
C TYR C 2 7.22 7.73 -3.10
N LEU C 3 8.23 8.43 -3.51
CA LEU C 3 9.39 7.74 -4.13
C LEU C 3 9.75 6.55 -3.24
N ARG C 4 9.85 6.78 -1.96
CA ARG C 4 10.18 5.65 -1.04
C ARG C 4 9.09 4.59 -1.13
N ARG C 5 7.90 4.95 -1.55
CA ARG C 5 6.82 3.92 -1.67
C ARG C 5 6.68 3.47 -3.12
N PHE C 6 7.51 3.95 -3.99
CA PHE C 6 7.42 3.54 -5.41
C PHE C 6 8.64 2.68 -5.78
N PHE C 7 9.82 3.12 -5.44
CA PHE C 7 11.02 2.33 -5.76
C PHE C 7 11.13 1.13 -4.81
N LYS C 8 10.67 1.29 -3.61
CA LYS C 8 10.72 0.17 -2.64
C LYS C 8 9.88 -0.99 -3.16
N ALA C 9 8.69 -0.71 -3.62
CA ALA C 9 7.82 -1.78 -4.15
C ALA C 9 8.49 -2.37 -5.39
N LYS C 10 9.26 -1.58 -6.07
CA LYS C 10 9.95 -2.05 -7.28
C LYS C 10 11.00 -3.10 -6.89
N LYS C 11 11.99 -2.71 -6.14
CA LYS C 11 13.03 -3.69 -5.73
C LYS C 11 12.37 -4.99 -5.29
N LEU C 12 11.24 -4.90 -4.63
CA LEU C 12 10.54 -6.11 -4.16
C LEU C 12 10.09 -6.97 -5.35
N ILE C 13 10.20 -6.45 -6.54
CA ILE C 13 9.77 -7.24 -7.73
C ILE C 13 10.63 -6.93 -8.94
N GLU C 14 11.92 -6.91 -8.75
CA GLU C 14 12.83 -6.59 -9.85
C GLU C 14 13.99 -7.60 -9.88
N CYS D 1 2.89 12.82 4.95
CA CYS D 1 3.29 11.87 3.88
C CYS D 1 3.08 10.43 4.32
N TYR D 2 1.85 10.07 4.45
CA TYR D 2 1.51 8.68 4.88
C TYR D 2 0.00 8.59 5.04
N LEU D 3 -0.62 9.67 5.43
CA LEU D 3 -2.10 9.67 5.57
C LEU D 3 -2.69 9.07 4.31
N ARG D 4 -2.40 9.67 3.19
CA ARG D 4 -2.91 9.12 1.91
C ARG D 4 -2.66 7.62 1.90
N ARG D 5 -1.67 7.17 2.62
CA ARG D 5 -1.39 5.71 2.67
C ARG D 5 -2.14 5.05 3.84
N PHE D 6 -2.48 5.82 4.83
CA PHE D 6 -3.21 5.25 6.00
C PHE D 6 -4.73 5.33 5.80
N PHE D 7 -5.23 6.47 5.39
CA PHE D 7 -6.69 6.59 5.20
C PHE D 7 -7.13 5.84 3.93
N LYS D 8 -6.22 5.63 3.02
CA LYS D 8 -6.58 4.89 1.78
C LYS D 8 -7.06 3.49 2.13
N ALA D 9 -6.28 2.76 2.89
CA ALA D 9 -6.70 1.39 3.27
C ALA D 9 -7.88 1.47 4.23
N LYS D 10 -8.04 2.62 4.85
CA LYS D 10 -9.16 2.80 5.79
C LYS D 10 -10.49 2.74 5.04
N LYS D 11 -10.73 3.67 4.16
CA LYS D 11 -12.01 3.64 3.41
C LYS D 11 -12.31 2.21 2.93
N LEU D 12 -11.29 1.45 2.67
CA LEU D 12 -11.51 0.05 2.20
C LEU D 12 -12.12 -0.79 3.33
N ILE D 13 -12.18 -0.26 4.53
CA ILE D 13 -12.77 -1.03 5.65
C ILE D 13 -13.52 -0.11 6.59
N GLU D 14 -14.27 0.78 6.03
CA GLU D 14 -15.04 1.74 6.85
C GLU D 14 -16.51 1.73 6.46
N CYS A 1 -10.05 -9.04 -2.44
CA CYS A 1 -10.14 -10.00 -1.30
C CYS A 1 -9.35 -9.48 -0.11
N TYR A 2 -8.61 -8.44 -0.30
CA TYR A 2 -7.82 -7.88 0.83
C TYR A 2 -8.42 -6.52 1.17
N LEU A 3 -9.17 -5.94 0.27
CA LEU A 3 -9.78 -4.62 0.54
C LEU A 3 -10.38 -4.64 1.92
N ARG A 4 -11.42 -5.40 2.09
CA ARG A 4 -12.05 -5.51 3.43
C ARG A 4 -10.95 -5.63 4.49
N ARG A 5 -9.83 -6.20 4.11
CA ARG A 5 -8.71 -6.35 5.09
C ARG A 5 -7.88 -5.06 5.12
N PHE A 6 -7.66 -4.46 3.99
CA PHE A 6 -6.88 -3.20 3.96
C PHE A 6 -7.79 -2.03 4.32
N PHE A 7 -8.95 -1.96 3.73
CA PHE A 7 -9.88 -0.86 4.06
C PHE A 7 -10.07 -0.79 5.57
N LYS A 8 -10.30 -1.92 6.20
CA LYS A 8 -10.47 -1.92 7.67
C LYS A 8 -9.30 -1.16 8.32
N ALA A 9 -8.21 -1.06 7.61
CA ALA A 9 -7.05 -0.32 8.13
C ALA A 9 -7.12 1.12 7.65
N LYS A 10 -7.40 1.29 6.38
CA LYS A 10 -7.51 2.66 5.83
C LYS A 10 -8.38 3.51 6.75
N LYS A 11 -9.51 3.02 7.16
CA LYS A 11 -10.37 3.81 8.06
C LYS A 11 -9.53 4.35 9.22
N LEU A 12 -8.48 3.65 9.58
CA LEU A 12 -7.62 4.10 10.69
C LEU A 12 -6.77 5.30 10.26
N ILE A 13 -6.77 5.62 9.00
CA ILE A 13 -5.96 6.79 8.53
C ILE A 13 -6.73 7.58 7.48
N GLU A 14 -7.97 7.82 7.73
CA GLU A 14 -8.81 8.56 6.79
C GLU A 14 -9.56 9.69 7.49
N CYS B 1 -7.12 -10.60 -6.76
CA CYS B 1 -7.34 -9.73 -5.57
C CYS B 1 -6.03 -9.17 -5.07
N TYR B 2 -5.45 -8.29 -5.82
CA TYR B 2 -4.17 -7.68 -5.41
C TYR B 2 -3.73 -6.69 -6.50
N LEU B 3 -4.08 -6.96 -7.73
CA LEU B 3 -3.72 -6.01 -8.82
C LEU B 3 -4.05 -4.61 -8.34
N ARG B 4 -5.31 -4.35 -8.15
CA ARG B 4 -5.73 -3.02 -7.62
C ARG B 4 -4.76 -2.61 -6.51
N ARG B 5 -4.23 -3.56 -5.79
CA ARG B 5 -3.25 -3.22 -4.72
C ARG B 5 -1.87 -3.00 -5.35
N PHE B 6 -1.45 -3.92 -6.17
CA PHE B 6 -0.13 -3.75 -6.83
C PHE B 6 -0.19 -2.60 -7.84
N PHE B 7 -1.18 -2.61 -8.70
CA PHE B 7 -1.31 -1.53 -9.71
C PHE B 7 -1.44 -0.18 -9.03
N LYS B 8 -2.17 -0.11 -7.94
CA LYS B 8 -2.32 1.19 -7.23
C LYS B 8 -0.95 1.86 -7.10
N ALA B 9 0.09 1.09 -7.06
CA ALA B 9 1.45 1.66 -6.95
C ALA B 9 1.93 2.03 -8.34
N LYS B 10 1.49 1.29 -9.31
CA LYS B 10 1.88 1.54 -10.71
C LYS B 10 1.35 2.91 -11.15
N LYS B 11 0.06 3.07 -11.21
CA LYS B 11 -0.51 4.37 -11.63
C LYS B 11 0.23 5.52 -10.93
N LEU B 12 0.64 5.30 -9.71
CA LEU B 12 1.36 6.37 -8.97
C LEU B 12 2.68 6.72 -9.67
N ILE B 13 3.12 5.89 -10.59
CA ILE B 13 4.41 6.19 -11.30
C ILE B 13 4.38 5.71 -12.74
N GLU B 14 3.34 6.03 -13.44
CA GLU B 14 3.21 5.60 -14.84
C GLU B 14 2.80 6.77 -15.73
N CYS C 1 10.24 13.47 -0.16
CA CYS C 1 10.24 11.98 -0.23
C CYS C 1 9.09 11.47 -1.08
N TYR C 2 9.23 10.26 -1.52
CA TYR C 2 8.20 9.63 -2.37
C TYR C 2 8.75 8.28 -2.81
N LEU C 3 10.02 8.26 -3.13
CA LEU C 3 10.66 7.01 -3.55
C LEU C 3 10.34 5.95 -2.51
N ARG C 4 10.57 6.26 -1.27
CA ARG C 4 10.23 5.30 -0.20
C ARG C 4 8.80 4.82 -0.47
N ARG C 5 8.04 5.67 -1.10
CA ARG C 5 6.63 5.31 -1.44
C ARG C 5 6.56 4.58 -2.80
N PHE C 6 7.52 4.81 -3.66
CA PHE C 6 7.49 4.14 -4.99
C PHE C 6 8.26 2.81 -4.95
N PHE C 7 9.42 2.80 -4.36
CA PHE C 7 10.22 1.55 -4.30
C PHE C 7 9.59 0.54 -3.32
N LYS C 8 8.87 1.01 -2.34
CA LYS C 8 8.23 0.10 -1.38
C LYS C 8 7.24 -0.80 -2.10
N ALA C 9 6.38 -0.23 -2.89
CA ALA C 9 5.39 -1.05 -3.63
C ALA C 9 6.12 -1.91 -4.65
N LYS C 10 7.29 -1.50 -5.04
CA LYS C 10 8.07 -2.27 -6.03
C LYS C 10 8.60 -3.56 -5.39
N LYS C 11 9.45 -3.45 -4.40
CA LYS C 11 10.00 -4.66 -3.75
C LYS C 11 8.88 -5.68 -3.49
N LEU C 12 7.69 -5.20 -3.23
CA LEU C 12 6.56 -6.12 -2.98
C LEU C 12 6.30 -7.01 -4.19
N ILE C 13 6.83 -6.66 -5.32
CA ILE C 13 6.60 -7.50 -6.54
C ILE C 13 7.82 -7.49 -7.44
N GLU C 14 8.96 -7.63 -6.86
CA GLU C 14 10.21 -7.62 -7.64
C GLU C 14 11.09 -8.81 -7.25
N CYS D 1 6.21 10.23 2.80
CA CYS D 1 6.49 10.33 4.25
C CYS D 1 5.23 10.11 5.06
N TYR D 2 4.14 9.86 4.41
CA TYR D 2 2.90 9.58 5.15
C TYR D 2 2.72 8.07 5.14
N LEU D 3 3.30 7.43 4.16
CA LEU D 3 3.20 5.97 4.09
C LEU D 3 3.66 5.38 5.42
N ARG D 4 4.62 6.02 6.04
CA ARG D 4 5.06 5.52 7.37
C ARG D 4 3.84 5.46 8.28
N ARG D 5 2.80 6.17 7.91
CA ARG D 5 1.55 6.15 8.72
C ARG D 5 0.50 5.28 8.02
N PHE D 6 0.68 5.05 6.75
CA PHE D 6 -0.30 4.21 6.00
C PHE D 6 0.22 2.77 5.88
N PHE D 7 1.47 2.59 5.56
CA PHE D 7 2.00 1.22 5.44
C PHE D 7 2.00 0.56 6.82
N LYS D 8 2.14 1.35 7.86
CA LYS D 8 2.14 0.78 9.22
C LYS D 8 0.95 -0.19 9.37
N ALA D 9 -0.21 0.24 8.93
CA ALA D 9 -1.39 -0.65 9.01
C ALA D 9 -1.30 -1.68 7.89
N LYS D 10 -0.76 -1.29 6.78
CA LYS D 10 -0.62 -2.24 5.65
C LYS D 10 0.04 -3.52 6.14
N LYS D 11 1.17 -3.41 6.78
CA LYS D 11 1.86 -4.63 7.28
C LYS D 11 0.84 -5.60 7.91
N LEU D 12 -0.14 -5.08 8.58
CA LEU D 12 -1.15 -5.96 9.21
C LEU D 12 -1.96 -6.72 8.16
N ILE D 13 -1.87 -6.33 6.91
CA ILE D 13 -2.64 -7.05 5.85
C ILE D 13 -1.82 -7.22 4.58
N GLU D 14 -1.07 -6.24 4.28
CA GLU D 14 -0.21 -6.27 3.06
C GLU D 14 -0.97 -6.88 1.89
N CYS A 1 -6.70 -11.87 0.54
CA CYS A 1 -5.29 -11.53 0.21
C CYS A 1 -5.00 -10.07 0.59
N TYR A 2 -5.78 -9.52 1.46
CA TYR A 2 -5.55 -8.11 1.86
C TYR A 2 -5.55 -8.00 3.39
N LEU A 3 -6.13 -8.94 4.09
CA LEU A 3 -6.13 -8.86 5.58
C LEU A 3 -4.72 -8.55 6.01
N ARG A 4 -3.80 -9.19 5.36
CA ARG A 4 -2.35 -8.95 5.63
C ARG A 4 -2.06 -7.49 5.31
N ARG A 5 -2.64 -7.01 4.26
CA ARG A 5 -2.43 -5.59 3.87
C ARG A 5 -3.40 -4.68 4.63
N PHE A 6 -4.24 -5.24 5.44
CA PHE A 6 -5.20 -4.39 6.22
C PHE A 6 -4.78 -4.33 7.69
N PHE A 7 -4.61 -5.45 8.33
CA PHE A 7 -4.20 -5.42 9.75
C PHE A 7 -2.78 -4.88 9.89
N LYS A 8 -1.99 -4.98 8.85
CA LYS A 8 -0.60 -4.45 8.95
C LYS A 8 -0.64 -2.95 9.22
N ALA A 9 -1.29 -2.20 8.39
CA ALA A 9 -1.38 -0.74 8.61
C ALA A 9 -2.17 -0.47 9.89
N LYS A 10 -2.98 -1.41 10.29
CA LYS A 10 -3.77 -1.23 11.51
C LYS A 10 -2.85 -1.20 12.72
N LYS A 11 -2.20 -2.29 13.02
CA LYS A 11 -1.27 -2.33 14.19
C LYS A 11 -0.56 -0.98 14.33
N LEU A 12 -0.34 -0.30 13.24
CA LEU A 12 0.32 1.02 13.30
C LEU A 12 -0.58 2.05 13.97
N ILE A 13 -1.85 2.07 13.64
CA ILE A 13 -2.76 3.09 14.26
C ILE A 13 -4.08 2.48 14.73
N GLU A 14 -4.26 1.25 14.43
CA GLU A 14 -5.49 0.51 14.85
C GLU A 14 -6.70 1.44 14.89
N CYS B 1 -1.64 -12.75 -5.91
CA CYS B 1 -2.06 -11.98 -4.70
C CYS B 1 -0.95 -11.06 -4.25
N TYR B 2 -0.42 -10.31 -5.17
CA TYR B 2 0.64 -9.36 -4.83
C TYR B 2 0.72 -8.36 -5.97
N LEU B 3 0.55 -8.84 -7.17
CA LEU B 3 0.57 -7.94 -8.35
C LEU B 3 -0.22 -6.69 -8.01
N ARG B 4 -1.32 -6.88 -7.32
CA ARG B 4 -2.14 -5.73 -6.89
C ARG B 4 -1.21 -4.76 -6.16
N ARG B 5 -0.40 -5.27 -5.28
CA ARG B 5 0.55 -4.41 -4.53
C ARG B 5 1.72 -4.01 -5.43
N PHE B 6 1.87 -4.66 -6.55
CA PHE B 6 2.99 -4.31 -7.47
C PHE B 6 2.50 -3.32 -8.54
N PHE B 7 1.50 -3.70 -9.31
CA PHE B 7 1.00 -2.78 -10.36
C PHE B 7 0.45 -1.51 -9.72
N LYS B 8 -0.04 -1.60 -8.51
CA LYS B 8 -0.58 -0.39 -7.83
C LYS B 8 0.41 0.76 -7.94
N ALA B 9 1.65 0.54 -7.58
CA ALA B 9 2.67 1.62 -7.67
C ALA B 9 2.84 2.06 -9.12
N LYS B 10 2.70 1.14 -10.04
CA LYS B 10 2.86 1.50 -11.47
C LYS B 10 1.78 2.50 -11.88
N LYS B 11 0.54 2.11 -11.83
CA LYS B 11 -0.54 3.04 -12.22
C LYS B 11 -0.29 4.42 -11.61
N LEU B 12 0.26 4.46 -10.43
CA LEU B 12 0.53 5.77 -9.76
C LEU B 12 1.58 6.57 -10.52
N ILE B 13 2.23 5.97 -11.47
CA ILE B 13 3.27 6.72 -12.24
C ILE B 13 3.33 6.24 -13.68
N GLU B 14 2.20 6.14 -14.30
CA GLU B 14 2.14 5.68 -15.69
C GLU B 14 1.23 6.58 -16.53
N CYS C 1 8.05 12.09 -0.89
CA CYS C 1 6.84 11.47 -0.27
C CYS C 1 6.02 10.77 -1.35
N TYR C 2 6.60 9.78 -1.95
CA TYR C 2 5.91 9.00 -2.99
C TYR C 2 6.78 7.78 -3.26
N LEU C 3 8.06 8.01 -3.30
CA LEU C 3 9.00 6.90 -3.53
C LEU C 3 8.59 5.72 -2.68
N ARG C 4 8.32 5.97 -1.43
CA ARG C 4 7.88 4.87 -0.54
C ARG C 4 6.79 4.09 -1.27
N ARG C 5 6.00 4.78 -2.04
CA ARG C 5 4.92 4.10 -2.81
C ARG C 5 5.46 3.58 -4.16
N PHE C 6 6.57 4.11 -4.59
CA PHE C 6 7.15 3.64 -5.89
C PHE C 6 8.19 2.55 -5.65
N PHE C 7 9.11 2.77 -4.75
CA PHE C 7 10.14 1.73 -4.50
C PHE C 7 9.48 0.52 -3.82
N LYS C 8 8.50 0.74 -2.99
CA LYS C 8 7.83 -0.40 -2.32
C LYS C 8 7.55 -1.50 -3.34
N ALA C 9 6.82 -1.19 -4.37
CA ALA C 9 6.51 -2.22 -5.40
C ALA C 9 7.79 -2.79 -5.99
N LYS C 10 8.79 -1.97 -6.15
CA LYS C 10 10.05 -2.48 -6.71
C LYS C 10 10.62 -3.57 -5.80
N LYS C 11 10.96 -3.24 -4.60
CA LYS C 11 11.50 -4.28 -3.67
C LYS C 11 10.67 -5.56 -3.72
N LEU C 12 9.37 -5.45 -3.61
CA LEU C 12 8.54 -6.69 -3.62
C LEU C 12 8.60 -7.40 -4.98
N ILE C 13 9.20 -6.81 -5.97
CA ILE C 13 9.28 -7.53 -7.29
C ILE C 13 10.67 -7.43 -7.88
N GLU C 14 11.67 -7.57 -7.07
CA GLU C 14 13.05 -7.49 -7.55
C GLU C 14 13.90 -8.62 -6.94
N CYS D 1 2.90 13.21 5.45
CA CYS D 1 3.54 12.26 4.49
C CYS D 1 3.45 10.84 5.04
N TYR D 2 2.35 10.54 5.62
CA TYR D 2 2.12 9.18 6.17
C TYR D 2 0.64 8.88 6.03
N LEU D 3 -0.17 9.87 6.27
CA LEU D 3 -1.63 9.70 6.13
C LEU D 3 -1.89 8.91 4.85
N ARG D 4 -1.24 9.30 3.80
CA ARG D 4 -1.39 8.58 2.52
C ARG D 4 -1.28 7.09 2.82
N ARG D 5 -0.40 6.75 3.71
CA ARG D 5 -0.24 5.32 4.11
C ARG D 5 -1.26 4.94 5.19
N PHE D 6 -1.70 5.90 5.96
CA PHE D 6 -2.70 5.58 7.03
C PHE D 6 -4.11 5.52 6.45
N PHE D 7 -4.46 6.45 5.60
CA PHE D 7 -5.81 6.45 5.01
C PHE D 7 -5.93 5.35 3.94
N LYS D 8 -4.84 5.03 3.30
CA LYS D 8 -4.87 3.98 2.26
C LYS D 8 -5.41 2.67 2.86
N ALA D 9 -4.87 2.26 3.98
CA ALA D 9 -5.35 1.02 4.62
C ALA D 9 -6.76 1.24 5.16
N LYS D 10 -7.11 2.47 5.40
CA LYS D 10 -8.45 2.79 5.91
C LYS D 10 -9.52 2.46 4.87
N LYS D 11 -9.51 3.15 3.76
CA LYS D 11 -10.52 2.87 2.70
C LYS D 11 -10.68 1.36 2.52
N LEU D 12 -9.61 0.62 2.69
CA LEU D 12 -9.69 -0.85 2.53
C LEU D 12 -10.67 -1.44 3.55
N ILE D 13 -11.07 -0.67 4.53
CA ILE D 13 -12.01 -1.21 5.56
C ILE D 13 -12.90 -0.11 6.10
N GLU D 14 -13.45 0.68 5.23
CA GLU D 14 -14.31 1.78 5.67
C GLU D 14 -15.60 1.81 4.84
N CYS A 1 -9.59 -12.54 -0.95
CA CYS A 1 -8.56 -11.91 -0.09
C CYS A 1 -8.79 -10.42 0.04
N TYR A 2 -9.68 -10.06 0.91
CA TYR A 2 -9.91 -8.63 1.16
C TYR A 2 -8.77 -8.16 2.05
N LEU A 3 -8.14 -9.11 2.72
CA LEU A 3 -7.01 -8.80 3.62
C LEU A 3 -6.03 -7.86 2.94
N ARG A 4 -5.70 -8.12 1.71
CA ARG A 4 -4.77 -7.20 1.01
C ARG A 4 -5.37 -5.80 1.03
N ARG A 5 -6.64 -5.70 1.33
CA ARG A 5 -7.29 -4.35 1.38
C ARG A 5 -7.32 -3.85 2.82
N PHE A 6 -7.25 -4.74 3.76
CA PHE A 6 -7.29 -4.33 5.18
C PHE A 6 -5.87 -4.24 5.74
N PHE A 7 -5.09 -5.26 5.54
CA PHE A 7 -3.70 -5.22 6.07
C PHE A 7 -2.89 -4.18 5.30
N LYS A 8 -3.26 -3.91 4.07
CA LYS A 8 -2.51 -2.90 3.29
C LYS A 8 -2.42 -1.59 4.09
N ALA A 9 -3.54 -1.05 4.47
CA ALA A 9 -3.52 0.21 5.26
C ALA A 9 -2.78 -0.02 6.58
N LYS A 10 -2.86 -1.22 7.10
CA LYS A 10 -2.18 -1.54 8.37
C LYS A 10 -0.67 -1.54 8.17
N LYS A 11 -0.17 -2.47 7.40
CA LYS A 11 1.31 -2.53 7.17
C LYS A 11 1.84 -1.12 6.86
N LEU A 12 1.04 -0.30 6.22
CA LEU A 12 1.49 1.06 5.89
C LEU A 12 1.69 1.90 7.16
N ILE A 13 1.27 1.40 8.28
CA ILE A 13 1.44 2.18 9.55
C ILE A 13 1.63 1.26 10.74
N GLU A 14 2.47 0.29 10.59
CA GLU A 14 2.72 -0.66 11.67
C GLU A 14 4.22 -0.88 11.88
N CYS B 1 -3.23 -12.12 -5.12
CA CYS B 1 -3.79 -11.16 -4.12
C CYS B 1 -2.70 -10.23 -3.62
N TYR B 2 -1.60 -10.19 -4.30
CA TYR B 2 -0.51 -9.28 -3.88
C TYR B 2 -0.26 -8.34 -5.05
N LEU B 3 -0.38 -8.87 -6.23
CA LEU B 3 -0.19 -8.05 -7.44
C LEU B 3 -0.90 -6.72 -7.25
N ARG B 4 -2.13 -6.78 -6.84
CA ARG B 4 -2.90 -5.54 -6.58
C ARG B 4 -2.00 -4.57 -5.82
N ARG B 5 -1.12 -5.12 -5.01
CA ARG B 5 -0.18 -4.26 -4.23
C ARG B 5 1.09 -4.00 -5.05
N PHE B 6 1.42 -4.86 -5.96
CA PHE B 6 2.65 -4.67 -6.77
C PHE B 6 2.35 -3.84 -8.02
N PHE B 7 1.28 -4.13 -8.71
CA PHE B 7 0.96 -3.36 -9.94
C PHE B 7 0.51 -1.94 -9.57
N LYS B 8 -0.15 -1.78 -8.45
CA LYS B 8 -0.60 -0.42 -8.05
C LYS B 8 0.59 0.54 -7.99
N ALA B 9 1.60 0.20 -7.23
CA ALA B 9 2.79 1.09 -7.14
C ALA B 9 3.47 1.16 -8.50
N LYS B 10 3.22 0.19 -9.34
CA LYS B 10 3.83 0.21 -10.67
C LYS B 10 3.28 1.37 -11.49
N LYS B 11 2.01 1.32 -11.82
CA LYS B 11 1.39 2.43 -12.61
C LYS B 11 2.00 3.77 -12.22
N LEU B 12 2.39 3.91 -10.99
CA LEU B 12 3.01 5.18 -10.53
C LEU B 12 4.35 5.40 -11.24
N ILE B 13 5.16 4.38 -11.36
CA ILE B 13 6.50 4.56 -12.01
C ILE B 13 6.78 3.49 -13.06
N GLU B 14 5.94 2.52 -13.10
CA GLU B 14 6.07 1.41 -14.09
C GLU B 14 7.53 1.13 -14.42
N CYS C 1 5.14 14.28 -3.23
CA CYS C 1 5.06 12.97 -2.51
C CYS C 1 5.32 11.83 -3.47
N TYR C 2 6.55 11.39 -3.53
CA TYR C 2 6.91 10.28 -4.40
C TYR C 2 8.20 9.73 -3.85
N LEU C 3 8.86 8.90 -4.59
CA LEU C 3 10.13 8.30 -4.11
C LEU C 3 9.84 7.40 -2.90
N ARG C 4 9.15 7.91 -1.93
CA ARG C 4 8.79 7.09 -0.75
C ARG C 4 7.81 6.03 -1.20
N ARG C 5 6.77 6.43 -1.88
CA ARG C 5 5.77 5.45 -2.37
C ARG C 5 6.30 4.77 -3.64
N PHE C 6 7.51 5.06 -4.01
CA PHE C 6 8.08 4.44 -5.23
C PHE C 6 9.07 3.34 -4.84
N PHE C 7 10.09 3.67 -4.09
CA PHE C 7 11.07 2.61 -3.69
C PHE C 7 10.42 1.65 -2.69
N LYS C 8 9.50 2.13 -1.90
CA LYS C 8 8.85 1.24 -0.91
C LYS C 8 8.23 0.03 -1.63
N ALA C 9 7.47 0.27 -2.65
CA ALA C 9 6.85 -0.86 -3.40
C ALA C 9 7.94 -1.65 -4.10
N LYS C 10 9.03 -0.99 -4.41
CA LYS C 10 10.14 -1.66 -5.09
C LYS C 10 10.71 -2.78 -4.22
N LYS C 11 11.27 -2.45 -3.10
CA LYS C 11 11.84 -3.49 -2.20
C LYS C 11 10.88 -4.69 -2.12
N LEU C 12 9.60 -4.44 -2.15
CA LEU C 12 8.61 -5.54 -2.06
C LEU C 12 8.67 -6.43 -3.31
N ILE C 13 9.36 -6.01 -4.33
CA ILE C 13 9.44 -6.84 -5.56
C ILE C 13 10.77 -6.68 -6.26
N GLU C 14 11.83 -6.81 -5.52
CA GLU C 14 13.17 -6.64 -6.10
C GLU C 14 14.10 -7.77 -5.64
N CYS D 1 0.96 12.36 2.87
CA CYS D 1 0.60 11.66 1.60
C CYS D 1 0.53 10.16 1.82
N TYR D 2 -0.45 9.74 2.56
CA TYR D 2 -0.63 8.30 2.84
C TYR D 2 -1.81 8.17 3.80
N LEU D 3 -1.99 9.15 4.64
CA LEU D 3 -3.13 9.13 5.58
C LEU D 3 -4.37 8.77 4.79
N ARG D 4 -4.62 9.50 3.75
CA ARG D 4 -5.79 9.19 2.90
C ARG D 4 -5.79 7.72 2.55
N ARG D 5 -4.62 7.11 2.48
CA ARG D 5 -4.57 5.66 2.16
C ARG D 5 -4.52 4.82 3.44
N PHE D 6 -4.63 5.44 4.58
CA PHE D 6 -4.60 4.67 5.85
C PHE D 6 -5.96 4.77 6.56
N PHE D 7 -6.50 5.95 6.66
CA PHE D 7 -7.81 6.10 7.34
C PHE D 7 -8.93 5.62 6.42
N LYS D 8 -8.71 5.65 5.13
CA LYS D 8 -9.76 5.19 4.19
C LYS D 8 -10.09 3.72 4.46
N ALA D 9 -9.09 2.88 4.48
CA ALA D 9 -9.34 1.44 4.74
C ALA D 9 -9.75 1.25 6.21
N LYS D 10 -9.39 2.20 7.03
CA LYS D 10 -9.74 2.10 8.46
C LYS D 10 -11.26 2.13 8.63
N LYS D 11 -11.90 3.18 8.20
CA LYS D 11 -13.37 3.26 8.34
C LYS D 11 -14.03 1.94 7.93
N LEU D 12 -13.45 1.26 6.99
CA LEU D 12 -14.03 -0.04 6.53
C LEU D 12 -13.91 -1.11 7.62
N ILE D 13 -13.19 -0.84 8.67
CA ILE D 13 -13.04 -1.88 9.74
C ILE D 13 -12.83 -1.23 11.09
N GLU D 14 -13.65 -0.29 11.42
CA GLU D 14 -13.51 0.41 12.71
C GLU D 14 -14.88 0.55 13.40
#